data_6DZC
#
_entry.id   6DZC
#
_entity_poly.entity_id   1
_entity_poly.type   'polypeptide(L)'
_entity_poly.pdbx_seq_one_letter_code
;GSRGFRF(DPR)PKIIRNER
;
_entity_poly.pdbx_strand_id   A
#
# COMPACT_ATOMS: atom_id res chain seq x y z
N GLY A 1 4.04 9.19 -0.89
CA GLY A 1 5.39 8.69 -0.63
C GLY A 1 5.59 7.31 -1.23
N SER A 2 5.02 7.09 -2.41
CA SER A 2 5.14 5.81 -3.09
C SER A 2 4.66 4.68 -2.17
N ARG A 3 4.97 3.45 -2.55
CA ARG A 3 4.55 2.30 -1.75
C ARG A 3 3.04 2.30 -1.55
N GLY A 4 2.36 1.37 -2.21
CA GLY A 4 0.90 1.28 -2.09
C GLY A 4 0.36 0.20 -3.01
N PHE A 5 -0.26 -0.82 -2.41
CA PHE A 5 -0.83 -1.93 -3.17
C PHE A 5 -1.33 -3.02 -2.25
N ARG A 6 -2.60 -3.39 -2.40
CA ARG A 6 -3.19 -4.44 -1.58
C ARG A 6 -2.38 -5.73 -1.72
N PHE A 7 -2.08 -6.37 -0.59
CA PHE A 7 -1.30 -7.61 -0.62
C PHE A 7 -1.89 -8.64 0.35
N DPR A 8 -3.04 -9.19 0.00
CA DPR A 8 -3.74 -10.21 0.82
CB DPR A 8 -5.20 -9.99 0.45
CG DPR A 8 -5.18 -9.51 -0.97
CD DPR A 8 -3.80 -8.87 -1.22
C DPR A 8 -3.52 -10.02 2.33
O DPR A 8 -4.20 -9.23 2.96
HA DPR A 8 -3.45 -11.20 0.51
HB2 DPR A 8 -5.76 -10.92 0.53
HB3 DPR A 8 -5.64 -9.23 1.08
HG2 DPR A 8 -5.31 -10.34 -1.64
HG3 DPR A 8 -5.95 -8.78 -1.13
HD2 DPR A 8 -3.33 -9.30 -2.09
HD3 DPR A 8 -3.89 -7.80 -1.33
N PRO A 9 -2.58 -10.74 2.91
CA PRO A 9 -2.30 -10.64 4.38
C PRO A 9 -1.67 -9.30 4.75
N LYS A 10 -1.66 -8.37 3.79
CA LYS A 10 -1.08 -7.05 4.02
C LYS A 10 -1.51 -6.08 2.93
N ILE A 11 -1.62 -4.82 3.30
CA ILE A 11 -2.01 -3.77 2.37
C ILE A 11 -1.26 -2.48 2.68
N ILE A 12 -0.68 -1.88 1.64
CA ILE A 12 0.07 -0.64 1.80
C ILE A 12 -0.66 0.52 1.13
N ARG A 13 -0.43 1.73 1.64
CA ARG A 13 -1.09 2.91 1.08
C ARG A 13 -0.38 4.19 1.53
N ASN A 14 -0.29 5.15 0.62
CA ASN A 14 0.36 6.43 0.94
C ASN A 14 0.01 7.47 -0.12
N GLU A 15 -0.46 6.97 -1.27
CA GLU A 15 -0.86 7.83 -2.38
C GLU A 15 0.01 9.09 -2.45
N ARG A 16 1.31 8.93 -2.20
CA ARG A 16 2.23 10.06 -2.24
C ARG A 16 3.67 9.57 -2.10
N GLY A 1 2.60 10.64 -0.48
CA GLY A 1 3.52 10.24 -1.54
C GLY A 1 2.78 9.62 -2.72
N SER A 2 3.30 8.52 -3.22
CA SER A 2 2.67 7.84 -4.36
C SER A 2 3.22 6.43 -4.51
N ARG A 3 2.74 5.52 -3.67
CA ARG A 3 3.20 4.13 -3.73
C ARG A 3 2.35 3.25 -2.80
N GLY A 4 1.78 2.19 -3.36
CA GLY A 4 0.96 1.28 -2.57
C GLY A 4 0.87 -0.10 -3.23
N PHE A 5 0.19 -1.02 -2.56
CA PHE A 5 0.04 -2.38 -3.08
C PHE A 5 -0.92 -3.17 -2.20
N ARG A 6 -1.39 -4.29 -2.72
CA ARG A 6 -2.31 -5.14 -1.97
C ARG A 6 -1.71 -6.53 -1.78
N PHE A 7 -1.65 -6.99 -0.53
CA PHE A 7 -1.09 -8.29 -0.23
C PHE A 7 -2.00 -9.07 0.73
N DPR A 8 -3.11 -9.55 0.25
CA DPR A 8 -4.09 -10.32 1.06
CB DPR A 8 -5.40 -10.07 0.30
CG DPR A 8 -5.00 -9.92 -1.13
CD DPR A 8 -3.56 -9.41 -1.15
C DPR A 8 -4.19 -9.81 2.50
O DPR A 8 -4.87 -8.82 2.77
HA DPR A 8 -3.85 -11.37 1.03
HB2 DPR A 8 -6.05 -10.93 0.42
HB3 DPR A 8 -5.87 -9.18 0.65
HG2 DPR A 8 -5.07 -10.88 -1.64
HG3 DPR A 8 -5.65 -9.20 -1.62
HD2 DPR A 8 -2.95 -10.02 -1.81
HD3 DPR A 8 -3.52 -8.39 -1.46
N PRO A 9 -3.54 -10.46 3.44
CA PRO A 9 -3.58 -10.03 4.88
C PRO A 9 -2.78 -8.76 5.14
N LYS A 10 -2.37 -8.09 4.07
CA LYS A 10 -1.61 -6.86 4.21
C LYS A 10 -1.64 -6.05 2.92
N ILE A 11 -1.52 -4.73 3.06
CA ILE A 11 -1.55 -3.84 1.91
C ILE A 11 -0.62 -2.64 2.15
N ILE A 12 0.00 -2.17 1.07
CA ILE A 12 0.91 -1.03 1.17
C ILE A 12 0.23 0.24 0.66
N ARG A 13 0.37 1.32 1.41
CA ARG A 13 -0.23 2.59 1.04
C ARG A 13 -0.01 3.64 2.13
N ASN A 14 0.22 4.89 1.70
CA ASN A 14 0.45 5.97 2.65
C ASN A 14 -0.07 7.28 2.08
N GLU A 15 -0.78 8.04 2.92
CA GLU A 15 -1.34 9.32 2.49
C GLU A 15 -0.26 10.41 2.53
N ARG A 16 0.85 10.17 1.84
CA ARG A 16 1.94 11.13 1.80
C ARG A 16 3.00 10.71 0.79
N GLY A 1 3.27 10.33 -0.26
CA GLY A 1 3.98 9.81 -1.42
C GLY A 1 3.01 9.28 -2.46
N SER A 2 3.46 8.31 -3.26
CA SER A 2 2.62 7.72 -4.29
C SER A 2 2.99 6.28 -4.54
N ARG A 3 2.88 5.46 -3.49
CA ARG A 3 3.22 4.04 -3.60
C ARG A 3 2.27 3.21 -2.75
N GLY A 4 1.77 2.11 -3.32
CA GLY A 4 0.86 1.24 -2.61
C GLY A 4 0.80 -0.14 -3.25
N PHE A 5 0.20 -1.10 -2.55
CA PHE A 5 0.09 -2.46 -3.07
C PHE A 5 -0.88 -3.27 -2.22
N ARG A 6 -1.40 -4.35 -2.79
CA ARG A 6 -2.33 -5.22 -2.08
C ARG A 6 -1.72 -6.60 -1.86
N PHE A 7 -1.68 -7.03 -0.60
CA PHE A 7 -1.12 -8.34 -0.27
C PHE A 7 -2.03 -9.07 0.72
N DPR A 8 -3.15 -9.56 0.24
CA DPR A 8 -4.14 -10.29 1.09
CB DPR A 8 -5.45 -10.03 0.35
CG DPR A 8 -5.07 -9.91 -1.09
CD DPR A 8 -3.61 -9.44 -1.15
C DPR A 8 -4.21 -9.76 2.52
O DPR A 8 -4.87 -8.76 2.78
HA DPR A 8 -3.93 -11.34 1.07
HB2 DPR A 8 -6.13 -10.87 0.49
HB3 DPR A 8 -5.90 -9.11 0.69
HG2 DPR A 8 -5.17 -10.87 -1.59
HG3 DPR A 8 -5.70 -9.17 -1.58
HD2 DPR A 8 -3.03 -10.10 -1.78
HD3 DPR A 8 -3.55 -8.42 -1.47
N PRO A 9 -3.54 -10.41 3.46
CA PRO A 9 -3.54 -9.96 4.89
C PRO A 9 -2.72 -8.70 5.12
N LYS A 10 -2.31 -8.05 4.03
CA LYS A 10 -1.51 -6.83 4.15
C LYS A 10 -1.57 -6.03 2.85
N ILE A 11 -1.45 -4.71 2.99
CA ILE A 11 -1.48 -3.81 1.84
C ILE A 11 -0.59 -2.60 2.11
N ILE A 12 0.01 -2.06 1.07
CA ILE A 12 0.88 -0.90 1.20
C ILE A 12 0.15 0.36 0.74
N ARG A 13 0.43 1.48 1.42
CA ARG A 13 -0.21 2.74 1.08
C ARG A 13 0.52 3.91 1.75
N ASN A 14 0.27 5.11 1.25
CA ASN A 14 0.91 6.29 1.81
C ASN A 14 -0.09 7.44 1.91
N GLU A 15 0.39 8.62 2.30
CA GLU A 15 -0.47 9.79 2.42
C GLU A 15 0.23 11.03 1.87
N ARG A 16 1.54 10.93 1.68
CA ARG A 16 2.31 12.05 1.16
C ARG A 16 3.08 11.63 -0.10
N GLY A 1 4.10 9.49 0.18
CA GLY A 1 4.90 9.36 -1.04
C GLY A 1 4.84 7.93 -1.58
N SER A 2 4.36 7.01 -0.75
CA SER A 2 4.26 5.61 -1.16
C SER A 2 3.49 5.50 -2.48
N ARG A 3 3.16 4.27 -2.87
CA ARG A 3 2.43 4.04 -4.11
C ARG A 3 1.34 2.99 -3.90
N GLY A 4 0.94 2.78 -2.65
CA GLY A 4 -0.10 1.80 -2.34
C GLY A 4 0.31 0.42 -2.87
N PHE A 5 -0.30 -0.63 -2.30
CA PHE A 5 0.01 -1.99 -2.73
C PHE A 5 -0.94 -2.99 -2.06
N ARG A 6 -0.92 -4.22 -2.54
CA ARG A 6 -1.76 -5.28 -1.99
C ARG A 6 -0.90 -6.49 -1.64
N PHE A 7 -0.99 -6.93 -0.38
CA PHE A 7 -0.20 -8.07 0.07
C PHE A 7 -1.08 -9.03 0.89
N DPR A 8 -1.94 -9.75 0.23
CA DPR A 8 -2.87 -10.72 0.87
CB DPR A 8 -4.03 -10.79 -0.10
CG DPR A 8 -3.43 -10.54 -1.46
CD DPR A 8 -2.16 -9.71 -1.23
C DPR A 8 -3.34 -10.25 2.25
O DPR A 8 -4.26 -9.44 2.35
HA DPR A 8 -2.40 -11.69 0.93
HB2 DPR A 8 -4.50 -11.77 -0.08
HB3 DPR A 8 -4.76 -10.03 0.12
HG2 DPR A 8 -3.18 -11.48 -1.93
HG3 DPR A 8 -4.12 -9.99 -2.07
HD2 DPR A 8 -1.31 -10.15 -1.75
HD3 DPR A 8 -2.30 -8.69 -1.56
N PRO A 9 -2.76 -10.74 3.33
CA PRO A 9 -3.16 -10.34 4.71
C PRO A 9 -2.71 -8.91 5.04
N LYS A 10 -2.24 -8.19 4.04
CA LYS A 10 -1.79 -6.82 4.24
C LYS A 10 -1.90 -6.04 2.95
N ILE A 11 -2.12 -4.73 3.08
CA ILE A 11 -2.24 -3.87 1.93
C ILE A 11 -1.69 -2.48 2.24
N ILE A 12 -1.08 -1.84 1.25
CA ILE A 12 -0.53 -0.50 1.43
C ILE A 12 -1.39 0.52 0.71
N ARG A 13 -1.26 1.78 1.13
CA ARG A 13 -2.04 2.86 0.52
C ARG A 13 -1.13 4.04 0.19
N ASN A 14 -1.69 5.24 0.25
CA ASN A 14 -0.90 6.43 -0.05
C ASN A 14 -1.38 7.63 0.77
N GLU A 15 -0.45 8.48 1.17
CA GLU A 15 -0.78 9.65 1.96
C GLU A 15 0.49 10.44 2.27
N ARG A 16 1.60 10.01 1.68
CA ARG A 16 2.88 10.69 1.90
C ARG A 16 3.71 10.68 0.62
N GLY A 1 3.79 7.50 -6.09
CA GLY A 1 4.42 6.29 -6.61
C GLY A 1 5.21 5.59 -5.51
N SER A 2 5.11 6.12 -4.29
CA SER A 2 5.65 5.04 -2.95
C SER A 2 5.43 4.07 -2.97
N ARG A 3 4.78 3.78 -1.85
CA ARG A 3 4.35 2.41 -1.56
C ARG A 3 2.83 2.37 -1.38
N GLY A 4 2.16 1.55 -2.18
CA GLY A 4 0.71 1.42 -2.11
C GLY A 4 0.23 0.29 -3.02
N PHE A 5 -0.42 -0.70 -2.42
CA PHE A 5 -0.94 -1.84 -3.18
C PHE A 5 -1.39 -2.95 -2.24
N ARG A 6 -2.64 -3.37 -2.37
CA ARG A 6 -3.19 -4.44 -1.53
C ARG A 6 -2.30 -5.68 -1.66
N PHE A 7 -2.02 -6.33 -0.53
CA PHE A 7 -1.19 -7.53 -0.54
C PHE A 7 -1.78 -8.61 0.36
N DPR A 8 -2.87 -9.20 -0.06
CA DPR A 8 -3.57 -10.28 0.70
CB DPR A 8 -5.00 -10.14 0.23
CG DPR A 8 -4.91 -9.64 -1.18
CD DPR A 8 -3.57 -8.90 -1.31
C DPR A 8 -3.45 -10.10 2.22
O DPR A 8 -4.22 -9.32 2.80
HA DPR A 8 -3.19 -11.24 0.40
HB2 DPR A 8 -5.51 -11.10 0.26
HB3 DPR A 8 -5.53 -9.42 0.84
HG2 DPR A 8 -4.94 -10.48 -1.87
HG3 DPR A 8 -5.73 -8.96 -1.39
HD2 DPR A 8 -3.01 -9.27 -2.16
HD3 DPR A 8 -3.74 -7.84 -1.40
N PRO A 9 -2.54 -10.77 2.87
CA PRO A 9 -2.37 -10.65 4.35
C PRO A 9 -1.77 -9.31 4.75
N LYS A 10 -1.70 -8.39 3.80
CA LYS A 10 -1.14 -7.06 4.07
C LYS A 10 -1.58 -6.08 3.00
N ILE A 11 -1.68 -4.82 3.39
CA ILE A 11 -2.08 -3.76 2.46
C ILE A 11 -1.25 -2.51 2.70
N ILE A 12 -0.69 -1.96 1.62
CA ILE A 12 0.12 -0.75 1.72
C ILE A 12 -0.65 0.44 1.16
N ARG A 13 -0.21 1.64 1.52
CA ARG A 13 -0.88 2.85 1.05
C ARG A 13 0.00 4.08 1.28
N ASN A 14 -0.04 5.01 0.33
CA ASN A 14 0.76 6.23 0.44
C ASN A 14 0.00 7.42 -0.14
N GLU A 15 0.59 8.06 -1.14
CA GLU A 15 -0.04 9.21 -1.78
C GLU A 15 0.53 9.45 -3.16
N ARG A 16 1.49 8.61 -3.56
CA ARG A 16 2.13 8.76 -4.86
C ARG A 16 2.70 7.43 -5.33
N GLY A 1 1.58 9.27 -2.18
CA GLY A 1 2.78 10.06 -2.45
C GLY A 1 4.02 9.17 -2.49
N SER A 2 3.84 7.91 -2.10
CA SER A 2 4.96 6.96 -2.10
C SER A 2 4.51 5.61 -2.66
N ARG A 3 3.48 5.64 -3.49
CA ARG A 3 2.96 4.41 -4.09
C ARG A 3 2.44 3.47 -3.01
N GLY A 4 1.42 2.69 -3.36
CA GLY A 4 0.83 1.74 -2.42
C GLY A 4 0.65 0.38 -3.07
N PHE A 5 0.51 -0.66 -2.26
CA PHE A 5 0.33 -2.01 -2.79
C PHE A 5 -0.55 -2.84 -1.85
N ARG A 6 -1.16 -3.88 -2.42
CA ARG A 6 -2.03 -4.75 -1.63
C ARG A 6 -1.45 -6.16 -1.59
N PHE A 7 -1.53 -6.79 -0.42
CA PHE A 7 -1.00 -8.14 -0.24
C PHE A 7 -2.01 -9.02 0.51
N DPR A 8 -3.07 -9.40 -0.15
CA DPR A 8 -4.14 -10.25 0.44
CB DPR A 8 -5.36 -9.88 -0.40
CG DPR A 8 -4.82 -9.53 -1.75
CD DPR A 8 -3.38 -9.04 -1.54
C DPR A 8 -4.38 -9.92 1.92
O DPR A 8 -5.05 -8.94 2.25
HA DPR A 8 -3.91 -11.28 0.29
HB2 DPR A 8 -6.03 -10.72 -0.46
HB3 DPR A 8 -5.87 -9.02 0.02
HG2 DPR A 8 -4.83 -10.40 -2.38
HG3 DPR A 8 -5.41 -8.74 -2.20
HD2 DPR A 8 -2.71 -9.55 -2.22
HD3 DPR A 8 -3.32 -7.97 -1.68
N PRO A 9 -3.84 -10.71 2.83
CA PRO A 9 -4.02 -10.47 4.30
C PRO A 9 -3.18 -9.30 4.79
N LYS A 10 -2.63 -8.53 3.85
CA LYS A 10 -1.80 -7.38 4.22
C LYS A 10 -1.82 -6.33 3.12
N ILE A 11 -1.64 -5.08 3.53
CA ILE A 11 -1.64 -3.97 2.59
C ILE A 11 -0.66 -2.89 3.07
N ILE A 12 0.02 -2.24 2.11
CA ILE A 12 0.98 -1.19 2.45
C ILE A 12 0.78 0.02 1.55
N ARG A 13 0.35 1.11 2.14
CA ARG A 13 0.12 2.35 1.39
C ARG A 13 0.28 3.56 2.29
N ASN A 14 0.63 4.70 1.68
CA ASN A 14 0.81 5.94 2.44
C ASN A 14 -0.22 6.98 2.00
N GLU A 15 -0.01 8.22 2.43
CA GLU A 15 -0.92 9.30 2.08
C GLU A 15 -0.75 9.68 0.61
N ARG A 16 -0.92 8.70 -0.28
CA ARG A 16 -0.77 8.94 -1.71
C ARG A 16 0.41 9.86 -1.98
N GLY A 1 1.20 9.50 -3.05
CA GLY A 1 2.48 9.70 -3.70
C GLY A 1 3.22 8.38 -3.85
N SER A 2 3.12 7.53 -2.84
CA SER A 2 3.77 6.23 -2.87
C SER A 2 3.22 5.37 -4.01
N ARG A 3 3.57 4.10 -4.01
CA ARG A 3 3.11 3.18 -5.06
C ARG A 3 1.98 2.31 -4.52
N GLY A 4 1.98 2.12 -3.21
CA GLY A 4 0.97 1.30 -2.56
C GLY A 4 0.88 -0.08 -3.21
N PHE A 5 0.19 -1.00 -2.53
CA PHE A 5 0.05 -2.36 -3.06
C PHE A 5 -0.92 -3.16 -2.19
N ARG A 6 -1.39 -4.28 -2.73
CA ARG A 6 -2.32 -5.15 -2.02
C ARG A 6 -1.68 -6.51 -1.78
N PHE A 7 -1.69 -6.97 -0.53
CA PHE A 7 -1.10 -8.26 -0.20
C PHE A 7 -2.01 -9.04 0.76
N DPR A 8 -3.11 -9.53 0.27
CA DPR A 8 -4.09 -10.31 1.07
CB DPR A 8 -5.40 -10.04 0.32
CG DPR A 8 -5.01 -9.86 -1.11
CD DPR A 8 -3.55 -9.38 -1.12
C DPR A 8 -4.18 -9.82 2.52
O DPR A 8 -4.86 -8.84 2.81
HA DPR A 8 -3.87 -11.35 1.01
HB2 DPR A 8 -6.07 -10.89 0.43
HB3 DPR A 8 -5.87 -9.14 0.70
HG2 DPR A 8 -5.10 -10.80 -1.64
HG3 DPR A 8 -5.64 -9.11 -1.57
HD2 DPR A 8 -2.96 -10.01 -1.78
HD3 DPR A 8 -3.50 -8.35 -1.43
N PRO A 9 -3.52 -10.49 3.44
CA PRO A 9 -3.53 -10.09 4.88
C PRO A 9 -2.75 -8.81 5.15
N LYS A 10 -2.36 -8.12 4.09
CA LYS A 10 -1.60 -6.88 4.22
C LYS A 10 -1.64 -6.09 2.92
N ILE A 11 -1.55 -4.78 3.05
CA ILE A 11 -1.56 -3.90 1.88
C ILE A 11 -0.68 -2.68 2.12
N ILE A 12 -0.03 -2.19 1.07
CA ILE A 12 0.83 -1.02 1.18
C ILE A 12 0.09 0.23 0.72
N ARG A 13 0.21 1.29 1.50
CA ARG A 13 -0.44 2.56 1.17
C ARG A 13 -0.25 3.56 2.31
N ASN A 14 -0.08 4.83 1.94
CA ASN A 14 0.11 5.87 2.94
C ASN A 14 -0.13 7.25 2.31
N GLU A 15 -0.98 8.04 2.96
CA GLU A 15 -1.30 9.37 2.46
C GLU A 15 -1.46 9.36 0.95
N ARG A 16 -0.38 9.64 0.23
CA ARG A 16 -0.41 9.65 -1.23
C ARG A 16 0.98 9.92 -1.79
N GLY A 1 3.34 9.90 -0.45
CA GLY A 1 4.29 9.33 -1.40
C GLY A 1 3.58 8.88 -2.67
N SER A 2 2.34 8.43 -2.52
CA SER A 2 1.56 7.98 -3.67
C SER A 2 1.99 6.58 -4.09
N ARG A 3 2.27 5.73 -3.11
CA ARG A 3 2.69 4.36 -3.37
C ARG A 3 1.98 3.38 -2.45
N GLY A 4 1.65 2.21 -2.98
CA GLY A 4 0.97 1.19 -2.18
C GLY A 4 1.11 -0.19 -2.82
N PHE A 5 0.50 -1.18 -2.20
CA PHE A 5 0.56 -2.55 -2.72
C PHE A 5 -0.36 -3.46 -1.92
N ARG A 6 -1.35 -4.04 -2.59
CA ARG A 6 -2.28 -4.94 -1.92
C ARG A 6 -1.71 -6.35 -1.88
N PHE A 7 -1.61 -6.91 -0.67
CA PHE A 7 -1.09 -8.27 -0.51
C PHE A 7 -2.00 -9.07 0.43
N DPR A 8 -3.13 -9.51 -0.07
CA DPR A 8 -4.11 -10.31 0.70
CB DPR A 8 -5.43 -9.97 0.02
CG DPR A 8 -5.07 -9.72 -1.42
CD DPR A 8 -3.60 -9.28 -1.45
C DPR A 8 -4.15 -9.92 2.19
O DPR A 8 -4.81 -8.94 2.55
HA DPR A 8 -3.92 -11.36 0.59
HB2 DPR A 8 -6.12 -10.80 0.09
HB3 DPR A 8 -5.87 -9.08 0.45
HG2 DPR A 8 -5.20 -10.62 -2.00
HG3 DPR A 8 -5.70 -8.93 -1.82
HD2 DPR A 8 -3.04 -9.87 -2.15
HD3 DPR A 8 -3.52 -8.23 -1.69
N PRO A 9 -3.48 -10.64 3.05
CA PRO A 9 -3.47 -10.34 4.51
C PRO A 9 -2.65 -9.10 4.84
N LYS A 10 -2.27 -8.35 3.82
CA LYS A 10 -1.49 -7.13 4.02
C LYS A 10 -1.67 -6.16 2.86
N ILE A 11 -1.54 -4.88 3.16
CA ILE A 11 -1.69 -3.84 2.14
C ILE A 11 -0.78 -2.66 2.45
N ILE A 12 -0.16 -2.11 1.41
CA ILE A 12 0.74 -0.96 1.57
C ILE A 12 0.11 0.29 0.98
N ARG A 13 0.23 1.40 1.71
CA ARG A 13 -0.34 2.67 1.26
C ARG A 13 -0.14 3.75 2.30
N ASN A 14 0.12 4.97 1.84
CA ASN A 14 0.31 6.10 2.74
C ASN A 14 -0.60 7.27 2.37
N GLU A 15 -0.05 8.47 2.32
CA GLU A 15 -0.84 9.64 1.97
C GLU A 15 0.06 10.83 1.69
N ARG A 16 1.12 10.61 0.92
CA ARG A 16 2.05 11.68 0.59
C ARG A 16 3.06 11.20 -0.45
N GLY A 1 -1.13 9.48 -2.42
CA GLY A 1 -1.06 9.30 -3.87
C GLY A 1 0.31 8.80 -4.27
N SER A 2 1.08 8.33 -3.30
CA SER A 2 2.42 7.81 -3.58
C SER A 2 2.34 6.43 -4.22
N ARG A 3 3.00 5.46 -3.60
CA ARG A 3 3.01 4.09 -4.10
C ARG A 3 2.47 3.12 -3.04
N GLY A 4 1.67 2.16 -3.48
CA GLY A 4 1.09 1.20 -2.56
C GLY A 4 0.98 -0.18 -3.21
N PHE A 5 0.28 -1.09 -2.53
CA PHE A 5 0.11 -2.44 -3.05
C PHE A 5 -0.86 -3.22 -2.15
N ARG A 6 -1.31 -4.37 -2.64
CA ARG A 6 -2.24 -5.20 -1.88
C ARG A 6 -1.72 -6.62 -1.78
N PHE A 7 -1.53 -7.10 -0.55
CA PHE A 7 -1.04 -8.45 -0.31
C PHE A 7 -1.99 -9.20 0.64
N DPR A 8 -3.10 -9.68 0.13
CA DPR A 8 -4.11 -10.42 0.93
CB DPR A 8 -5.39 -10.18 0.14
CG DPR A 8 -4.97 -10.07 -1.29
CD DPR A 8 -3.52 -9.56 -1.28
C DPR A 8 -4.22 -9.87 2.36
O DPR A 8 -4.89 -8.86 2.58
HA DPR A 8 -3.87 -11.47 0.93
HB2 DPR A 8 -6.06 -11.03 0.27
HB3 DPR A 8 -5.87 -9.28 0.47
HG2 DPR A 8 -5.02 -11.02 -1.77
HG3 DPR A 8 -5.60 -9.35 -1.79
HD2 DPR A 8 -2.90 -10.18 -1.91
HD3 DPR A 8 -3.48 -8.54 -1.60
N PRO A 9 -3.61 -10.50 3.33
CA PRO A 9 -3.67 -10.04 4.76
C PRO A 9 -2.82 -8.80 5.01
N LYS A 10 -2.38 -8.16 3.94
CA LYS A 10 -1.54 -6.96 4.09
C LYS A 10 -1.78 -5.99 2.93
N ILE A 11 -1.54 -4.72 3.19
CA ILE A 11 -1.70 -3.69 2.18
C ILE A 11 -0.70 -2.56 2.40
N ILE A 12 -0.16 -2.02 1.29
CA ILE A 12 0.82 -0.94 1.37
C ILE A 12 0.22 0.36 0.85
N ARG A 13 0.38 1.43 1.63
CA ARG A 13 -0.15 2.74 1.24
C ARG A 13 0.39 3.82 2.17
N ASN A 14 0.07 5.07 1.85
CA ASN A 14 0.52 6.20 2.65
C ASN A 14 -0.55 7.28 2.70
N GLU A 15 -1.60 7.09 1.93
CA GLU A 15 -2.70 8.05 1.88
C GLU A 15 -2.18 9.42 1.44
N ARG A 16 -1.74 9.50 0.18
CA ARG A 16 -1.22 10.76 -0.35
C ARG A 16 -1.15 10.70 -1.88
N GLY A 1 9.04 3.84 -3.12
CA GLY A 1 9.21 3.94 -4.56
C GLY A 1 7.91 4.37 -5.24
N SER A 2 6.79 4.00 -4.63
CA SER A 2 5.48 4.36 -5.17
C SER A 2 4.53 4.77 -4.05
N ARG A 3 3.32 4.22 -4.08
CA ARG A 3 2.32 4.54 -3.06
C ARG A 3 1.47 3.32 -2.74
N GLY A 4 1.33 3.01 -1.46
CA GLY A 4 0.54 1.87 -1.03
C GLY A 4 0.98 0.60 -1.74
N PHE A 5 0.44 -0.54 -1.31
CA PHE A 5 0.79 -1.81 -1.91
C PHE A 5 -0.09 -2.93 -1.35
N ARG A 6 -0.79 -3.63 -2.24
CA ARG A 6 -1.67 -4.72 -1.82
C ARG A 6 -0.85 -5.98 -1.54
N PHE A 7 -1.07 -6.58 -0.37
CA PHE A 7 -0.36 -7.79 0.00
C PHE A 7 -1.33 -8.82 0.58
N DPR A 8 -2.12 -9.43 -0.27
CA DPR A 8 -3.11 -10.45 0.14
CB DPR A 8 -4.17 -10.35 -0.98
CG DPR A 8 -3.39 -9.96 -2.20
CD DPR A 8 -2.14 -9.21 -1.73
C DPR A 8 -3.75 -10.15 1.50
O DPR A 8 -4.66 -9.33 1.59
HA DPR A 8 -2.68 -11.43 0.11
HB2 DPR A 8 -4.64 -11.31 -1.12
HB3 DPR A 8 -4.89 -9.60 -0.74
HG2 DPR A 8 -3.12 -10.84 -2.76
HG3 DPR A 8 -3.99 -9.31 -2.82
HD2 DPR A 8 -1.25 -9.63 -2.19
HD3 DPR A 8 -2.22 -8.16 -1.94
N PRO A 9 -3.28 -10.78 2.56
CA PRO A 9 -3.83 -10.55 3.93
C PRO A 9 -3.41 -9.21 4.51
N LYS A 10 -2.84 -8.35 3.68
CA LYS A 10 -2.40 -7.04 4.14
C LYS A 10 -2.24 -6.08 2.98
N ILE A 11 -2.36 -4.79 3.25
CA ILE A 11 -2.22 -3.77 2.22
C ILE A 11 -1.61 -2.50 2.81
N ILE A 12 -0.80 -1.82 2.02
CA ILE A 12 -0.15 -0.59 2.46
C ILE A 12 -0.85 0.62 1.85
N ARG A 13 -0.62 1.80 2.44
CA ARG A 13 -1.25 3.02 1.94
C ARG A 13 -0.22 3.90 1.23
N ASN A 14 1.02 3.79 1.67
CA ASN A 14 2.10 4.58 1.09
C ASN A 14 3.26 3.66 0.68
N GLU A 15 4.40 4.27 0.38
CA GLU A 15 5.58 3.50 -0.02
C GLU A 15 6.78 4.42 -0.22
N ARG A 16 7.91 3.85 -0.60
CA ARG A 16 9.12 4.61 -0.82
C ARG A 16 9.35 4.85 -2.32
#